data_7IAK
#
_entry.id   7IAK
#
_cell.length_a   42.544
_cell.length_b   42.544
_cell.length_c   216.420
_cell.angle_alpha   90.000
_cell.angle_beta   90.000
_cell.angle_gamma   90.000
#
_symmetry.space_group_name_H-M   'P 43 2 2'
#
loop_
_entity.id
_entity.type
_entity.pdbx_description
1 polymer 'Serine protease subunit NS2B'
2 polymer 'Serine protease NS3'
3 non-polymer 'DIMETHYL SULFOXIDE'
4 non-polymer N-(2,3-dihydro-1H-isoindol-5-yl)-1,2-benzothiazole-5-carboxamide
5 water water
#
loop_
_entity_poly.entity_id
_entity_poly.type
_entity_poly.pdbx_seq_one_letter_code
_entity_poly.pdbx_strand_id
1 'polypeptide(L)' SMGKSVDMYIERAGDITWEKDAEVTGNSPRLDVALDESGDFSLVEE A
2 'polypeptide(L)'
;MKEVKKGETTDGVYRVMTRRLLGSTQVGVGVMQEGVFHTMWHVTKGAALRSGEGRLDPYWGDVKQDLVSYCGPWKLDAAW
DGLSEVQLLAVPPGERAKNIQTLPGIFKTKDGDIGAVALDYPAGTSGSPILDKCGRVIGLYGNGVVIKNGSYVSAITQGK
REEETPVE
;
B
#
loop_
_chem_comp.id
_chem_comp.type
_chem_comp.name
_chem_comp.formula
A1B81 non-polymer N-(2,3-dihydro-1H-isoindol-5-yl)-1,2-benzothiazole-5-carboxamide 'C16 H13 N3 O S'
DMS non-polymer 'DIMETHYL SULFOXIDE' 'C2 H6 O S'
#
# COMPACT_ATOMS: atom_id res chain seq x y z
N ASP A 7 -14.59 -8.53 13.38
CA ASP A 7 -15.00 -7.67 12.28
C ASP A 7 -14.02 -6.48 12.09
N MET A 8 -13.51 -6.30 10.86
CA MET A 8 -12.62 -5.20 10.55
C MET A 8 -13.42 -3.97 10.13
N TYR A 9 -12.88 -2.78 10.40
CA TYR A 9 -13.54 -1.51 10.09
C TYR A 9 -12.55 -0.46 9.57
N ILE A 10 -13.05 0.61 8.94
CA ILE A 10 -12.18 1.64 8.39
C ILE A 10 -12.47 3.02 8.99
N GLU A 11 -11.42 3.83 9.13
CA GLU A 11 -11.46 5.20 9.67
C GLU A 11 -10.66 6.09 8.72
N ARG A 12 -11.21 7.25 8.32
CA ARG A 12 -10.49 8.14 7.42
C ARG A 12 -9.25 8.70 8.09
N ALA A 13 -8.12 8.69 7.39
CA ALA A 13 -6.87 9.19 7.95
C ALA A 13 -6.32 10.44 7.22
N GLY A 14 -6.97 10.88 6.16
CA GLY A 14 -6.54 12.08 5.44
C GLY A 14 -6.78 12.05 3.95
N ASP A 15 -6.32 13.12 3.27
CA ASP A 15 -6.43 13.28 1.81
C ASP A 15 -5.22 12.70 1.12
N ILE A 16 -5.39 12.33 -0.16
CA ILE A 16 -4.26 11.86 -0.94
C ILE A 16 -3.73 13.04 -1.76
N THR A 17 -2.70 13.69 -1.23
N THR A 17 -2.69 13.69 -1.25
CA THR A 17 -2.06 14.84 -1.85
CA THR A 17 -2.10 14.87 -1.88
C THR A 17 -0.54 14.74 -1.80
C THR A 17 -0.57 14.88 -1.74
N TRP A 18 0.15 15.31 -2.79
CA TRP A 18 1.60 15.38 -2.76
C TRP A 18 1.94 16.59 -1.86
N GLU A 19 2.86 16.42 -0.91
CA GLU A 19 3.27 17.51 -0.03
C GLU A 19 4.63 18.03 -0.49
N LYS A 20 4.73 19.34 -0.85
CA LYS A 20 6.03 19.91 -1.20
C LYS A 20 6.79 20.07 0.12
N ASP A 21 8.11 19.97 0.09
CA ASP A 21 8.91 20.10 1.31
C ASP A 21 8.57 19.04 2.36
N ALA A 22 8.39 17.80 1.92
CA ALA A 22 8.16 16.70 2.85
C ALA A 22 9.56 16.18 3.32
N GLU A 23 9.61 15.32 4.35
CA GLU A 23 10.89 14.77 4.81
C GLU A 23 11.42 13.79 3.72
N VAL A 24 12.53 14.15 3.04
CA VAL A 24 13.13 13.34 1.97
C VAL A 24 14.20 12.41 2.52
N THR A 25 13.93 11.10 2.52
CA THR A 25 14.87 10.11 3.04
C THR A 25 14.75 8.78 2.24
N GLY A 26 15.62 7.81 2.50
CA GLY A 26 15.56 6.51 1.84
C GLY A 26 16.44 6.36 0.62
N ASN A 27 17.05 5.19 0.50
CA ASN A 27 17.94 4.82 -0.61
C ASN A 27 17.18 4.14 -1.79
N SER A 28 17.85 3.89 -2.93
CA SER A 28 17.23 3.26 -4.12
C SER A 28 17.97 1.98 -4.51
N PRO A 29 17.73 0.86 -3.81
CA PRO A 29 18.51 -0.35 -4.12
C PRO A 29 18.02 -1.16 -5.33
N ARG A 30 18.96 -1.78 -6.06
CA ARG A 30 18.60 -2.66 -7.19
C ARG A 30 18.79 -4.09 -6.70
N LEU A 31 17.67 -4.81 -6.51
CA LEU A 31 17.71 -6.16 -5.94
C LEU A 31 17.13 -7.25 -6.86
N ASP A 32 17.76 -8.43 -6.88
CA ASP A 32 17.30 -9.56 -7.67
C ASP A 32 16.26 -10.33 -6.84
N VAL A 33 14.96 -10.30 -7.23
CA VAL A 33 13.93 -10.99 -6.44
C VAL A 33 13.15 -12.06 -7.26
N ALA A 34 12.40 -12.91 -6.55
CA ALA A 34 11.51 -13.95 -7.08
C ALA A 34 10.16 -13.82 -6.34
N LEU A 35 9.05 -14.02 -7.04
CA LEU A 35 7.73 -13.91 -6.45
C LEU A 35 7.06 -15.27 -6.54
N ASP A 36 6.66 -15.83 -5.39
CA ASP A 36 6.07 -17.17 -5.39
C ASP A 36 4.53 -17.14 -5.62
N GLU A 37 3.90 -18.33 -5.70
CA GLU A 37 2.46 -18.41 -5.91
C GLU A 37 1.65 -17.79 -4.76
N SER A 38 2.22 -17.67 -3.56
CA SER A 38 1.56 -17.07 -2.40
C SER A 38 1.72 -15.55 -2.29
N GLY A 39 2.34 -14.92 -3.29
CA GLY A 39 2.56 -13.48 -3.28
C GLY A 39 3.71 -13.02 -2.42
N ASP A 40 4.60 -13.95 -2.03
CA ASP A 40 5.74 -13.61 -1.19
C ASP A 40 6.99 -13.41 -2.03
N PHE A 41 7.69 -12.30 -1.82
CA PHE A 41 8.95 -12.03 -2.49
C PHE A 41 10.10 -12.69 -1.74
N SER A 42 11.15 -13.03 -2.46
CA SER A 42 12.34 -13.61 -1.85
C SER A 42 13.59 -13.13 -2.60
N LEU A 43 14.74 -13.11 -1.92
CA LEU A 43 15.97 -12.67 -2.56
C LEU A 43 16.67 -13.76 -3.31
N VAL A 44 17.10 -13.44 -4.52
CA VAL A 44 17.85 -14.35 -5.38
C VAL A 44 19.32 -13.92 -5.37
N GLU A 45 20.26 -14.86 -5.22
CA GLU A 45 21.69 -14.52 -5.27
C GLU A 45 22.49 -15.43 -6.23
N GLY B 7 -21.54 3.69 4.54
CA GLY B 7 -21.04 4.68 5.49
C GLY B 7 -20.20 5.79 4.86
N GLU B 8 -18.90 5.87 5.22
CA GLU B 8 -18.03 6.90 4.65
C GLU B 8 -17.41 6.48 3.33
N THR B 9 -17.89 7.07 2.23
N THR B 9 -17.89 7.07 2.23
CA THR B 9 -17.38 6.74 0.90
CA THR B 9 -17.38 6.76 0.89
C THR B 9 -16.48 7.83 0.30
C THR B 9 -16.47 7.83 0.31
N THR B 10 -16.13 8.87 1.08
CA THR B 10 -15.29 9.97 0.62
C THR B 10 -13.91 9.50 0.20
N ASP B 11 -13.40 10.01 -0.94
CA ASP B 11 -12.07 9.73 -1.45
C ASP B 11 -11.01 10.08 -0.36
N GLY B 12 -9.91 9.33 -0.32
CA GLY B 12 -8.85 9.57 0.65
C GLY B 12 -8.18 8.31 1.15
N VAL B 13 -7.28 8.45 2.14
CA VAL B 13 -6.57 7.32 2.74
C VAL B 13 -7.27 6.91 4.05
N TYR B 14 -7.41 5.59 4.29
CA TYR B 14 -8.11 5.09 5.48
C TYR B 14 -7.28 4.10 6.27
N ARG B 15 -7.52 4.00 7.58
CA ARG B 15 -6.90 3.00 8.42
C ARG B 15 -7.85 1.80 8.43
N VAL B 16 -7.28 0.60 8.47
CA VAL B 16 -8.01 -0.66 8.55
C VAL B 16 -7.74 -1.18 9.96
N MET B 17 -8.77 -1.26 10.77
CA MET B 17 -8.65 -1.62 12.18
C MET B 17 -9.38 -2.92 12.56
N THR B 18 -9.05 -3.51 13.71
CA THR B 18 -9.74 -4.68 14.23
C THR B 18 -9.88 -4.64 15.77
N ARG B 19 -10.99 -5.16 16.29
CA ARG B 19 -11.20 -5.25 17.74
C ARG B 19 -11.07 -6.71 18.27
N ARG B 20 -10.60 -7.64 17.40
CA ARG B 20 -10.41 -9.08 17.67
C ARG B 20 -9.28 -9.32 18.67
N LEU B 21 -8.23 -8.49 18.60
CA LEU B 21 -7.08 -8.57 19.50
C LEU B 21 -7.29 -7.61 20.71
N LEU B 22 -6.24 -7.32 21.50
CA LEU B 22 -6.34 -6.42 22.67
C LEU B 22 -6.58 -5.01 22.18
N GLY B 23 -7.59 -4.33 22.75
CA GLY B 23 -7.97 -2.99 22.32
C GLY B 23 -8.33 -2.91 20.84
N SER B 24 -8.02 -1.78 20.20
CA SER B 24 -8.24 -1.60 18.76
C SER B 24 -6.86 -1.65 18.11
N THR B 25 -6.65 -2.59 17.19
CA THR B 25 -5.35 -2.75 16.54
C THR B 25 -5.40 -2.38 15.05
N GLN B 26 -4.39 -1.63 14.55
CA GLN B 26 -4.34 -1.28 13.13
C GLN B 26 -3.63 -2.38 12.34
N VAL B 27 -4.36 -3.11 11.50
CA VAL B 27 -3.79 -4.18 10.69
C VAL B 27 -3.24 -3.71 9.33
N GLY B 28 -3.70 -2.55 8.89
CA GLY B 28 -3.30 -2.00 7.61
C GLY B 28 -3.97 -0.68 7.33
N VAL B 29 -3.83 -0.24 6.07
CA VAL B 29 -4.25 1.03 5.47
C VAL B 29 -4.81 0.73 4.06
N GLY B 30 -5.64 1.62 3.53
CA GLY B 30 -6.17 1.48 2.19
C GLY B 30 -6.54 2.80 1.54
N VAL B 31 -6.89 2.77 0.26
CA VAL B 31 -7.27 3.96 -0.48
C VAL B 31 -8.72 3.90 -0.95
N MET B 32 -9.50 4.94 -0.69
CA MET B 32 -10.86 5.03 -1.21
C MET B 32 -10.79 5.94 -2.43
N GLN B 33 -11.19 5.44 -3.60
CA GLN B 33 -11.20 6.27 -4.81
C GLN B 33 -12.32 5.80 -5.69
N GLU B 34 -13.12 6.74 -6.20
CA GLU B 34 -14.22 6.39 -7.10
C GLU B 34 -15.21 5.38 -6.48
N GLY B 35 -15.45 5.50 -5.17
CA GLY B 35 -16.38 4.63 -4.46
C GLY B 35 -15.84 3.23 -4.19
N VAL B 36 -14.55 2.98 -4.51
CA VAL B 36 -13.88 1.69 -4.34
C VAL B 36 -12.79 1.76 -3.27
N PHE B 37 -12.75 0.75 -2.38
CA PHE B 37 -11.73 0.69 -1.36
C PHE B 37 -10.66 -0.29 -1.84
N HIS B 38 -9.40 0.17 -1.96
CA HIS B 38 -8.29 -0.62 -2.42
C HIS B 38 -7.35 -0.86 -1.26
N THR B 39 -6.92 -2.11 -1.03
CA THR B 39 -5.94 -2.40 0.03
C THR B 39 -5.08 -3.62 -0.40
N MET B 40 -4.20 -4.10 0.48
CA MET B 40 -3.41 -5.29 0.20
C MET B 40 -4.16 -6.51 0.75
N TRP B 41 -4.12 -7.63 0.01
CA TRP B 41 -4.82 -8.86 0.39
CA TRP B 41 -4.83 -8.85 0.40
C TRP B 41 -4.43 -9.36 1.78
N HIS B 42 -3.15 -9.30 2.13
CA HIS B 42 -2.72 -9.81 3.45
C HIS B 42 -3.25 -8.98 4.63
N VAL B 43 -3.77 -7.78 4.38
CA VAL B 43 -4.34 -6.93 5.42
C VAL B 43 -5.70 -7.48 5.85
N THR B 44 -6.63 -7.69 4.89
CA THR B 44 -7.99 -8.13 5.20
C THR B 44 -8.24 -9.62 5.04
N LYS B 45 -7.41 -10.31 4.25
CA LYS B 45 -7.57 -11.73 3.88
C LYS B 45 -8.85 -11.98 3.06
N GLY B 46 -9.38 -10.93 2.43
CA GLY B 46 -10.62 -11.01 1.68
C GLY B 46 -11.88 -10.85 2.52
N ALA B 47 -11.75 -10.64 3.84
CA ALA B 47 -12.92 -10.48 4.73
C ALA B 47 -13.66 -9.16 4.50
N ALA B 48 -14.95 -9.10 4.84
CA ALA B 48 -15.77 -7.91 4.68
C ALA B 48 -15.32 -6.79 5.61
N LEU B 49 -15.56 -5.54 5.22
CA LEU B 49 -15.16 -4.39 6.01
C LEU B 49 -16.39 -3.62 6.48
N ARG B 50 -16.23 -2.88 7.54
CA ARG B 50 -17.29 -2.07 8.10
C ARG B 50 -16.85 -0.60 8.00
N SER B 51 -17.78 0.30 7.69
CA SER B 51 -17.47 1.74 7.62
C SER B 51 -18.63 2.44 8.29
N GLY B 52 -18.52 2.62 9.60
CA GLY B 52 -19.61 3.19 10.39
C GLY B 52 -20.71 2.15 10.48
N GLU B 53 -21.88 2.46 9.93
CA GLU B 53 -23.00 1.51 9.89
C GLU B 53 -23.03 0.69 8.58
N GLY B 54 -22.30 1.15 7.55
CA GLY B 54 -22.27 0.49 6.25
C GLY B 54 -21.32 -0.70 6.15
N ARG B 55 -21.51 -1.51 5.11
CA ARG B 55 -20.68 -2.68 4.88
C ARG B 55 -20.03 -2.67 3.48
N LEU B 56 -18.74 -3.00 3.43
CA LEU B 56 -18.03 -3.09 2.17
C LEU B 56 -17.75 -4.55 1.89
N ASP B 57 -18.32 -5.10 0.81
CA ASP B 57 -18.07 -6.49 0.43
C ASP B 57 -16.93 -6.55 -0.60
N PRO B 58 -16.06 -7.57 -0.54
CA PRO B 58 -14.99 -7.67 -1.55
C PRO B 58 -15.54 -7.85 -2.97
N TYR B 59 -14.82 -7.36 -3.96
CA TYR B 59 -15.26 -7.42 -5.35
C TYR B 59 -14.23 -8.16 -6.19
N TRP B 60 -12.97 -7.82 -6.05
CA TRP B 60 -11.89 -8.45 -6.78
C TRP B 60 -10.70 -8.69 -5.83
N GLY B 61 -10.00 -9.80 -6.02
CA GLY B 61 -8.83 -10.10 -5.20
C GLY B 61 -7.92 -11.11 -5.83
N ASP B 62 -6.63 -11.08 -5.46
CA ASP B 62 -5.60 -11.95 -5.98
C ASP B 62 -4.45 -12.02 -4.97
N VAL B 63 -4.18 -13.21 -4.40
CA VAL B 63 -3.13 -13.46 -3.41
C VAL B 63 -1.72 -13.22 -3.99
N LYS B 64 -1.48 -13.58 -5.25
CA LYS B 64 -0.15 -13.37 -5.86
C LYS B 64 0.18 -11.89 -6.05
N GLN B 65 -0.77 -11.11 -6.60
CA GLN B 65 -0.56 -9.66 -6.72
C GLN B 65 -0.58 -8.98 -5.32
N ASP B 66 -1.22 -9.64 -4.33
CA ASP B 66 -1.44 -9.25 -2.93
C ASP B 66 -2.28 -7.99 -2.89
N LEU B 67 -3.37 -7.98 -3.68
CA LEU B 67 -4.24 -6.83 -3.79
C LEU B 67 -5.70 -7.21 -3.66
N VAL B 68 -6.54 -6.27 -3.21
CA VAL B 68 -7.99 -6.54 -3.07
C VAL B 68 -8.79 -5.22 -3.19
N SER B 69 -9.93 -5.25 -3.89
CA SER B 69 -10.81 -4.09 -4.04
C SER B 69 -12.20 -4.42 -3.45
N TYR B 70 -12.88 -3.40 -2.93
CA TYR B 70 -14.17 -3.52 -2.26
C TYR B 70 -15.16 -2.57 -2.90
N CYS B 71 -16.39 -3.04 -3.18
CA CYS B 71 -17.49 -2.27 -3.77
C CYS B 71 -17.43 -2.16 -5.30
N GLY B 72 -16.26 -2.39 -5.89
CA GLY B 72 -16.11 -2.30 -7.35
C GLY B 72 -14.74 -2.72 -7.82
N PRO B 73 -14.52 -2.69 -9.13
CA PRO B 73 -13.22 -3.11 -9.67
C PRO B 73 -12.10 -2.12 -9.32
N TRP B 74 -10.85 -2.61 -9.34
CA TRP B 74 -9.67 -1.80 -9.09
C TRP B 74 -9.66 -0.56 -10.03
N LYS B 75 -9.50 0.64 -9.44
CA LYS B 75 -9.58 1.93 -10.13
C LYS B 75 -8.24 2.65 -10.32
N LEU B 76 -7.21 2.21 -9.61
CA LEU B 76 -5.90 2.84 -9.60
C LEU B 76 -5.05 2.38 -10.80
N ASP B 77 -4.76 3.28 -11.74
CA ASP B 77 -4.01 2.92 -12.94
C ASP B 77 -2.72 3.73 -13.20
N ALA B 78 -2.36 4.67 -12.33
CA ALA B 78 -1.13 5.45 -12.52
C ALA B 78 0.11 4.56 -12.28
N ALA B 79 1.23 4.92 -12.91
CA ALA B 79 2.45 4.13 -12.81
C ALA B 79 3.69 4.97 -12.55
N TRP B 80 4.70 4.43 -11.84
CA TRP B 80 5.96 5.12 -11.62
C TRP B 80 6.66 5.26 -12.99
N ASP B 81 7.24 6.44 -13.27
CA ASP B 81 7.88 6.67 -14.56
C ASP B 81 9.31 6.11 -14.67
N GLY B 82 9.81 5.48 -13.62
CA GLY B 82 11.17 4.93 -13.61
C GLY B 82 12.26 5.95 -13.38
N LEU B 83 11.89 7.25 -13.29
CA LEU B 83 12.86 8.30 -13.11
C LEU B 83 12.71 9.14 -11.86
N SER B 84 11.56 9.76 -11.67
CA SER B 84 11.37 10.75 -10.61
C SER B 84 11.05 10.16 -9.23
N GLU B 85 11.26 10.99 -8.20
CA GLU B 85 11.00 10.68 -6.81
C GLU B 85 9.50 10.59 -6.59
N VAL B 86 9.13 9.87 -5.56
CA VAL B 86 7.75 9.63 -5.22
C VAL B 86 7.58 9.91 -3.72
N GLN B 87 6.34 9.90 -3.25
CA GLN B 87 6.07 10.07 -1.84
C GLN B 87 5.27 8.90 -1.30
N LEU B 88 5.67 8.38 -0.16
CA LEU B 88 4.94 7.36 0.54
C LEU B 88 4.06 8.12 1.52
N LEU B 89 2.75 8.08 1.32
CA LEU B 89 1.84 8.69 2.28
C LEU B 89 1.65 7.61 3.32
N ALA B 90 2.61 7.54 4.26
CA ALA B 90 2.63 6.56 5.34
C ALA B 90 1.55 6.88 6.38
N VAL B 91 0.75 5.89 6.79
CA VAL B 91 -0.22 6.07 7.86
C VAL B 91 0.13 5.01 8.93
N PRO B 92 1.02 5.36 9.88
CA PRO B 92 1.46 4.34 10.86
C PRO B 92 0.49 4.15 12.03
N PRO B 93 0.49 2.97 12.68
CA PRO B 93 -0.45 2.74 13.79
C PRO B 93 -0.30 3.76 14.92
N GLY B 94 -1.42 4.36 15.32
CA GLY B 94 -1.48 5.38 16.37
C GLY B 94 -0.84 6.71 16.04
N GLU B 95 -0.32 6.87 14.82
CA GLU B 95 0.35 8.10 14.42
C GLU B 95 -0.34 8.71 13.20
N ARG B 96 -0.22 10.03 13.05
CA ARG B 96 -0.82 10.82 11.98
C ARG B 96 -0.28 10.47 10.60
N ALA B 97 -1.08 10.73 9.54
CA ALA B 97 -0.65 10.51 8.15
C ALA B 97 0.57 11.41 7.86
N LYS B 98 1.56 10.88 7.14
CA LYS B 98 2.80 11.63 6.89
C LYS B 98 3.39 11.31 5.52
N ASN B 99 3.73 12.34 4.74
CA ASN B 99 4.31 12.18 3.41
C ASN B 99 5.82 12.05 3.52
N ILE B 100 6.39 10.99 2.94
CA ILE B 100 7.83 10.77 2.98
C ILE B 100 8.34 10.64 1.56
N GLN B 101 9.14 11.60 1.10
CA GLN B 101 9.67 11.58 -0.26
C GLN B 101 10.92 10.74 -0.32
N THR B 102 11.03 9.90 -1.36
CA THR B 102 12.17 9.03 -1.58
C THR B 102 12.31 8.76 -3.09
N LEU B 103 13.47 8.25 -3.52
CA LEU B 103 13.63 7.83 -4.90
C LEU B 103 13.57 6.30 -4.90
N PRO B 104 12.66 5.70 -5.67
CA PRO B 104 12.57 4.25 -5.67
C PRO B 104 13.71 3.51 -6.38
N GLY B 105 14.00 2.34 -5.84
CA GLY B 105 14.93 1.39 -6.42
C GLY B 105 14.22 0.45 -7.37
N ILE B 106 14.79 -0.73 -7.62
CA ILE B 106 14.22 -1.70 -8.56
C ILE B 106 14.22 -3.11 -8.00
N PHE B 107 13.12 -3.83 -8.20
CA PHE B 107 13.02 -5.25 -7.92
C PHE B 107 13.17 -5.85 -9.31
N LYS B 108 14.25 -6.57 -9.59
CA LYS B 108 14.43 -7.23 -10.90
C LYS B 108 13.88 -8.64 -10.78
N THR B 109 12.87 -8.99 -11.58
CA THR B 109 12.23 -10.32 -11.58
C THR B 109 12.31 -10.98 -12.97
N LYS B 110 11.98 -12.28 -13.07
CA LYS B 110 11.98 -13.01 -14.33
C LYS B 110 10.89 -12.48 -15.30
N ASP B 111 9.84 -11.83 -14.76
CA ASP B 111 8.74 -11.28 -15.52
C ASP B 111 8.79 -9.75 -15.66
N GLY B 112 9.96 -9.14 -15.43
CA GLY B 112 10.11 -7.70 -15.59
C GLY B 112 10.50 -6.94 -14.33
N ASP B 113 10.90 -5.68 -14.49
CA ASP B 113 11.30 -4.85 -13.35
C ASP B 113 10.11 -4.12 -12.70
N ILE B 114 10.22 -3.84 -11.39
CA ILE B 114 9.19 -3.15 -10.62
C ILE B 114 9.88 -2.12 -9.74
N GLY B 115 9.20 -1.00 -9.49
CA GLY B 115 9.72 0.00 -8.57
C GLY B 115 9.70 -0.53 -7.14
N ALA B 116 10.56 0.02 -6.29
CA ALA B 116 10.60 -0.43 -4.89
C ALA B 116 10.99 0.70 -3.94
N VAL B 117 10.26 0.86 -2.84
CA VAL B 117 10.56 1.90 -1.84
CA VAL B 117 10.51 1.90 -1.85
C VAL B 117 11.28 1.31 -0.63
N ALA B 118 12.41 1.93 -0.24
CA ALA B 118 13.18 1.45 0.91
C ALA B 118 12.97 2.32 2.16
N LEU B 119 11.77 2.27 2.72
CA LEU B 119 11.43 3.01 3.93
C LEU B 119 10.96 2.01 4.99
N ASP B 120 11.41 2.16 6.24
CA ASP B 120 11.06 1.20 7.28
C ASP B 120 9.90 1.64 8.13
N TYR B 121 8.80 0.88 8.07
CA TYR B 121 7.56 1.16 8.80
C TYR B 121 6.98 -0.11 9.40
N PRO B 122 6.16 -0.02 10.47
CA PRO B 122 5.56 -1.24 11.04
C PRO B 122 4.69 -1.98 10.02
N ALA B 123 4.51 -3.30 10.18
CA ALA B 123 3.68 -4.08 9.26
C ALA B 123 2.24 -3.56 9.14
N GLY B 124 1.74 -2.88 10.19
CA GLY B 124 0.42 -2.24 10.20
C GLY B 124 0.30 -1.06 9.25
N THR B 125 1.42 -0.57 8.69
CA THR B 125 1.43 0.50 7.69
C THR B 125 1.04 -0.05 6.27
N SER B 126 0.97 -1.40 6.09
CA SER B 126 0.63 -2.06 4.82
C SER B 126 -0.65 -1.53 4.20
N GLY B 127 -0.57 -1.11 2.95
CA GLY B 127 -1.70 -0.56 2.22
C GLY B 127 -1.57 0.93 1.96
N SER B 128 -0.57 1.60 2.61
CA SER B 128 -0.30 3.02 2.43
C SER B 128 0.05 3.32 0.98
N PRO B 129 -0.60 4.33 0.39
CA PRO B 129 -0.36 4.63 -1.02
C PRO B 129 0.95 5.35 -1.33
N ILE B 130 1.52 5.02 -2.48
CA ILE B 130 2.71 5.65 -3.02
C ILE B 130 2.22 6.60 -4.11
N LEU B 131 2.68 7.86 -4.08
CA LEU B 131 2.17 8.90 -4.96
C LEU B 131 3.15 9.49 -5.95
N ASP B 132 2.64 9.96 -7.09
CA ASP B 132 3.45 10.69 -8.05
C ASP B 132 3.30 12.21 -7.79
N LYS B 133 4.05 13.05 -8.53
CA LYS B 133 4.02 14.51 -8.36
C LYS B 133 2.62 15.13 -8.56
N CYS B 134 1.70 14.44 -9.28
CA CYS B 134 0.33 14.96 -9.43
C CYS B 134 -0.63 14.48 -8.34
N GLY B 135 -0.14 13.71 -7.38
CA GLY B 135 -0.96 13.16 -6.31
C GLY B 135 -1.69 11.88 -6.69
N ARG B 136 -1.36 11.29 -7.86
CA ARG B 136 -1.97 10.05 -8.36
C ARG B 136 -1.33 8.82 -7.71
N VAL B 137 -2.17 7.84 -7.29
CA VAL B 137 -1.67 6.63 -6.64
C VAL B 137 -1.04 5.68 -7.66
N ILE B 138 0.29 5.55 -7.62
CA ILE B 138 1.06 4.66 -8.51
C ILE B 138 1.28 3.24 -7.93
N GLY B 139 0.82 2.98 -6.71
CA GLY B 139 0.93 1.67 -6.10
C GLY B 139 0.70 1.69 -4.59
N LEU B 140 0.75 0.52 -3.96
CA LEU B 140 0.56 0.38 -2.52
C LEU B 140 1.80 -0.23 -1.86
N TYR B 141 2.11 0.23 -0.66
CA TYR B 141 3.28 -0.16 0.13
C TYR B 141 2.92 -1.31 1.04
N GLY B 142 3.80 -2.31 1.17
CA GLY B 142 3.53 -3.42 2.08
C GLY B 142 3.88 -4.81 1.63
N ASN B 143 4.36 -4.98 0.38
CA ASN B 143 4.75 -6.31 -0.08
C ASN B 143 6.13 -6.25 -0.70
N GLY B 144 7.09 -6.78 0.03
CA GLY B 144 8.45 -6.77 -0.42
C GLY B 144 9.34 -7.80 0.22
N VAL B 145 10.55 -7.38 0.54
CA VAL B 145 11.58 -8.28 1.04
C VAL B 145 12.34 -7.71 2.25
N VAL B 146 12.97 -8.60 3.03
CA VAL B 146 13.77 -8.22 4.18
C VAL B 146 15.22 -8.34 3.76
N ILE B 147 15.99 -7.25 3.88
CA ILE B 147 17.40 -7.29 3.47
C ILE B 147 18.33 -7.71 4.64
N LYS B 148 19.63 -7.95 4.34
CA LYS B 148 20.70 -8.37 5.25
C LYS B 148 20.78 -7.60 6.58
N ASN B 149 20.19 -6.40 6.63
CA ASN B 149 20.20 -5.59 7.84
C ASN B 149 18.83 -5.49 8.52
N GLY B 150 17.98 -6.51 8.33
CA GLY B 150 16.66 -6.61 8.93
C GLY B 150 15.61 -5.62 8.45
N SER B 151 16.04 -4.59 7.71
CA SER B 151 15.16 -3.56 7.16
CA SER B 151 15.10 -3.59 7.21
C SER B 151 14.24 -4.13 6.06
N TYR B 152 13.10 -3.46 5.81
CA TYR B 152 12.16 -3.90 4.78
C TYR B 152 12.22 -2.99 3.55
N VAL B 153 12.18 -3.59 2.37
CA VAL B 153 12.13 -2.89 1.09
C VAL B 153 10.88 -3.40 0.36
N SER B 154 9.86 -2.56 0.24
CA SER B 154 8.59 -2.92 -0.37
C SER B 154 8.57 -2.61 -1.84
N ALA B 155 7.80 -3.36 -2.60
CA ALA B 155 7.58 -3.07 -4.02
C ALA B 155 6.52 -1.94 -4.16
N ILE B 156 6.43 -1.34 -5.35
CA ILE B 156 5.38 -0.38 -5.65
C ILE B 156 4.33 -1.24 -6.36
N THR B 157 3.39 -1.81 -5.58
CA THR B 157 2.37 -2.73 -6.06
C THR B 157 1.14 -2.05 -6.63
N GLN B 158 0.95 -2.18 -7.94
CA GLN B 158 -0.18 -1.58 -8.62
C GLN B 158 -1.06 -2.66 -9.26
N GLY B 159 -2.38 -2.47 -9.18
CA GLY B 159 -3.32 -3.37 -9.82
C GLY B 159 -3.52 -3.01 -11.28
N LYS B 160 -4.46 -3.66 -11.93
CA LYS B 160 -4.77 -3.41 -13.34
C LYS B 160 -6.21 -2.88 -13.45
N ARG B 161 -6.40 -1.76 -14.18
CA ARG B 161 -7.73 -1.18 -14.35
C ARG B 161 -8.34 -1.70 -15.65
N GLU B 162 -9.55 -2.27 -15.59
CA GLU B 162 -10.22 -2.84 -16.78
C GLU B 162 -11.07 -1.79 -17.51
S DMS C . -12.47 -14.73 5.16
O DMS C . -12.67 -13.98 3.87
C1 DMS C . -13.61 -14.07 6.41
C2 DMS C . -10.96 -14.15 5.98
N1 A1B81 D . 3.89 -8.42 4.59
N3 A1B81 D . 5.73 -2.43 6.00
C4 A1B81 D . 1.93 -11.53 4.23
C5 A1B81 D . 1.91 -11.63 2.84
C6 A1B81 D . 2.50 -10.65 2.05
C7 A1B81 D . 3.17 -9.58 2.62
C8 A1B81 D . 2.31 -11.02 0.60
C10 A1B81 D . 5.25 -7.09 6.06
C13 A1B81 D . 6.47 -4.70 6.64
C15 A1B81 D . 5.30 -4.70 5.88
O1 A1B81 D . 4.71 -9.35 6.50
C1 A1B81 D . 4.57 -8.38 5.75
C2 A1B81 D . 3.17 -9.48 4.01
C3 A1B81 D . 2.59 -10.45 4.82
N2 A1B81 D . 2.00 -12.46 0.71
C9 A1B81 D . 1.26 -12.65 1.96
C11 A1B81 D . 6.41 -7.07 6.83
C12 A1B81 D . 7.05 -5.87 7.13
S1 A1B81 D . 7.02 -3.09 6.84
C14 A1B81 D . 4.90 -3.33 5.53
C16 A1B81 D . 4.68 -5.92 5.59
#